data_5FHA
#
_entry.id   5FHA
#
_cell.length_a   171.540
_cell.length_b   63.900
_cell.length_c   39.130
_cell.angle_alpha   90.00
_cell.angle_beta   101.64
_cell.angle_gamma   90.00
#
_symmetry.space_group_name_H-M   'C 1 2 1'
#
loop_
_entity.id
_entity.type
_entity.pdbx_description
1 polymer 'Antibody 114 Fab heavy chain'
2 polymer 'Antibody 114 Fab light chain'
3 water water
#
loop_
_entity_poly.entity_id
_entity_poly.type
_entity_poly.pdbx_seq_one_letter_code
_entity_poly.pdbx_strand_id
1 'polypeptide(L)'
;EVQLVESGGGLIQPGGSLRLSCAASGFALRMYDMHWVRQTIDKRLEWVSAVGPSGDTYYADSVKGRFAVSRENAKNSLSL
QMNSLTAGDTAIYYCVRSDRGVAGLFDSWGQGILVTVSSASTKGPSVFPLAPSSKSTSGGTAALGCLVKDYFPEPVTVSW
NSGALTSGVHTFPAVLQSSGLYSLSSVVTVPSSSLGTQTYICNVNHKPSNTKVDKKVEPK
;
H
2 'polypeptide(L)'
;DIQMTQSPSSLSASVGDRITITCRASQAFDNYVAWYQQRPGKVPKLLISAASALHAGVPSRFSGSGSGTHFTLTISSLQP
EDVATYYCQNYNSAPLTFGGGTKVEIKRTVAAPSVFIFPPSDEQLKSGTASVVCLLNNFYPREAKVQWKVDNALQSGNSQ
ESVTEQDSKDSTYSLSSTLTLSKADYEKHKVYACEVTHQGLSSPVTKSFNRG
;
L
#
# COMPACT_ATOMS: atom_id res chain seq x y z
N GLU A 1 24.27 0.97 13.71
CA GLU A 1 23.63 -0.32 13.93
C GLU A 1 23.39 -1.03 12.60
N VAL A 2 22.65 -2.13 12.65
CA VAL A 2 22.37 -2.94 11.46
C VAL A 2 21.67 -2.14 10.37
N GLN A 3 22.31 -2.07 9.20
CA GLN A 3 21.69 -1.45 8.05
C GLN A 3 21.80 -2.37 6.85
N LEU A 4 20.66 -2.61 6.21
CA LEU A 4 20.61 -3.40 5.00
C LEU A 4 20.10 -2.49 3.89
N VAL A 5 20.89 -2.33 2.83
CA VAL A 5 20.53 -1.42 1.77
C VAL A 5 20.48 -2.14 0.42
N GLU A 6 19.26 -2.31 -0.10
CA GLU A 6 19.04 -2.97 -1.39
C GLU A 6 19.22 -2.01 -2.57
N SER A 7 19.72 -2.52 -3.68
CA SER A 7 19.78 -1.77 -4.93
C SER A 7 19.56 -2.73 -6.10
N GLY A 8 19.42 -2.18 -7.30
CA GLY A 8 19.35 -3.00 -8.51
C GLY A 8 17.97 -3.40 -9.00
N GLY A 9 16.94 -2.76 -8.49
CA GLY A 9 15.59 -3.10 -8.89
C GLY A 9 15.10 -2.25 -10.04
N GLY A 10 13.79 -2.21 -10.24
CA GLY A 10 13.19 -1.41 -11.29
C GLY A 10 12.18 -2.19 -12.12
N LEU A 11 12.05 -1.81 -13.38
CA LEU A 11 11.07 -2.40 -14.29
C LEU A 11 11.76 -3.26 -15.35
N ILE A 12 11.20 -4.45 -15.58
CA ILE A 12 11.81 -5.40 -16.51
C ILE A 12 10.70 -6.17 -17.24
N GLN A 13 11.02 -6.68 -18.43
CA GLN A 13 10.09 -7.48 -19.23
C GLN A 13 9.95 -8.90 -18.69
N PRO A 14 8.77 -9.51 -18.89
CA PRO A 14 8.60 -10.94 -18.59
C PRO A 14 9.64 -11.75 -19.36
N GLY A 15 10.24 -12.75 -18.72
CA GLY A 15 11.30 -13.51 -19.35
C GLY A 15 12.65 -12.84 -19.14
N GLY A 16 12.64 -11.64 -18.60
CA GLY A 16 13.85 -10.86 -18.40
C GLY A 16 14.62 -11.19 -17.14
N SER A 17 15.69 -10.43 -16.90
CA SER A 17 16.60 -10.68 -15.80
C SER A 17 16.85 -9.42 -14.97
N LEU A 18 17.00 -9.57 -13.66
CA LEU A 18 17.44 -8.47 -12.80
C LEU A 18 18.40 -9.00 -11.76
N ARG A 19 19.30 -8.16 -11.29
CA ARG A 19 20.16 -8.52 -10.16
C ARG A 19 19.93 -7.56 -9.01
N LEU A 20 19.39 -8.07 -7.91
CA LEU A 20 19.26 -7.26 -6.70
C LEU A 20 20.54 -7.40 -5.92
N SER A 21 20.96 -6.32 -5.28
CA SER A 21 22.13 -6.37 -4.42
C SER A 21 21.75 -5.79 -3.07
N CYS A 22 22.43 -6.25 -2.03
CA CYS A 22 22.20 -5.78 -0.68
C CYS A 22 23.53 -5.56 0.02
N ALA A 23 23.77 -4.31 0.45
CA ALA A 23 24.99 -3.99 1.18
C ALA A 23 24.69 -3.95 2.69
N ALA A 24 25.38 -4.79 3.45
CA ALA A 24 25.10 -4.92 4.87
C ALA A 24 26.16 -4.20 5.72
N SER A 25 25.72 -3.59 6.81
CA SER A 25 26.63 -2.94 7.74
C SER A 25 26.09 -3.04 9.16
N GLY A 26 26.99 -2.96 10.13
CA GLY A 26 26.62 -3.07 11.53
C GLY A 26 26.75 -4.49 12.05
N PHE A 27 27.13 -5.42 11.17
CA PHE A 27 27.33 -6.81 11.53
C PHE A 27 28.12 -7.52 10.45
N ALA A 28 28.68 -8.69 10.79
CA ALA A 28 29.44 -9.48 9.83
C ALA A 28 28.55 -10.53 9.17
N LEU A 29 28.50 -10.48 7.84
CA LEU A 29 27.66 -11.38 7.07
C LEU A 29 27.93 -12.85 7.38
N ARG A 30 29.19 -13.15 7.70
CA ARG A 30 29.64 -14.52 7.98
C ARG A 30 28.89 -15.21 9.11
N MET A 31 28.36 -14.42 10.04
CA MET A 31 27.76 -15.00 11.24
C MET A 31 26.26 -15.25 11.11
N TYR A 32 25.69 -14.85 9.98
CA TYR A 32 24.24 -14.90 9.80
C TYR A 32 23.82 -15.52 8.47
N ASP A 33 22.67 -16.18 8.48
CA ASP A 33 22.01 -16.56 7.24
C ASP A 33 21.27 -15.34 6.73
N MET A 34 21.37 -15.08 5.43
CA MET A 34 20.70 -13.93 4.83
C MET A 34 19.57 -14.40 3.94
N HIS A 35 18.47 -13.68 3.97
CA HIS A 35 17.28 -14.07 3.25
C HIS A 35 16.77 -12.98 2.33
N TRP A 36 15.94 -13.37 1.38
CA TRP A 36 15.13 -12.46 0.61
C TRP A 36 13.67 -12.77 0.85
N VAL A 37 12.90 -11.73 1.16
CA VAL A 37 11.47 -11.83 1.41
C VAL A 37 10.76 -10.77 0.59
N ARG A 38 9.67 -11.15 -0.06
CA ARG A 38 8.97 -10.19 -0.88
C ARG A 38 7.55 -9.97 -0.44
N GLN A 39 7.06 -8.78 -0.77
CA GLN A 39 5.69 -8.39 -0.47
C GLN A 39 5.02 -8.12 -1.81
N THR A 40 4.10 -8.99 -2.18
CA THR A 40 3.49 -8.94 -3.51
C THR A 40 2.33 -7.94 -3.54
N ILE A 41 1.65 -7.85 -4.67
CA ILE A 41 0.62 -6.83 -4.86
C ILE A 41 -0.54 -7.00 -3.87
N ASP A 42 -0.80 -8.21 -3.42
CA ASP A 42 -1.87 -8.45 -2.46
C ASP A 42 -1.41 -8.17 -1.02
N LYS A 43 -0.22 -7.58 -0.90
CA LYS A 43 0.37 -7.16 0.37
C LYS A 43 0.73 -8.35 1.26
N ARG A 44 0.68 -9.54 0.69
CA ARG A 44 1.11 -10.74 1.41
C ARG A 44 2.63 -10.80 1.47
N LEU A 45 3.16 -11.28 2.59
CA LEU A 45 4.60 -11.51 2.71
C LEU A 45 4.93 -12.93 2.26
N GLU A 46 6.04 -13.07 1.51
CA GLU A 46 6.43 -14.38 0.97
C GLU A 46 7.95 -14.56 1.03
N TRP A 47 8.40 -15.60 1.73
CA TRP A 47 9.82 -15.91 1.75
C TRP A 47 10.27 -16.37 0.35
N VAL A 48 11.39 -15.84 -0.13
CA VAL A 48 11.85 -16.10 -1.49
C VAL A 48 13.05 -17.03 -1.54
N SER A 49 14.11 -16.65 -0.84
CA SER A 49 15.32 -17.47 -0.85
C SER A 49 16.25 -17.12 0.31
N ALA A 50 17.28 -17.94 0.46
CA ALA A 50 18.21 -17.79 1.55
C ALA A 50 19.58 -18.33 1.16
N VAL A 51 20.60 -17.79 1.80
CA VAL A 51 21.93 -18.31 1.62
C VAL A 51 22.67 -18.27 2.94
N GLY A 52 23.43 -19.32 3.22
CA GLY A 52 24.22 -19.41 4.44
C GLY A 52 25.63 -18.89 4.18
N PRO A 53 26.41 -18.69 5.25
CA PRO A 53 27.77 -18.13 5.13
C PRO A 53 28.70 -18.96 4.26
N SER A 54 28.48 -20.26 4.20
CA SER A 54 29.35 -21.13 3.41
C SER A 54 28.89 -21.17 1.95
N GLY A 55 27.77 -20.52 1.66
CA GLY A 55 27.29 -20.43 0.30
C GLY A 55 26.16 -21.39 -0.04
N ASP A 56 25.69 -22.15 0.95
CA ASP A 56 24.55 -23.03 0.75
C ASP A 56 23.29 -22.20 0.44
N THR A 57 22.56 -22.58 -0.60
CA THR A 57 21.44 -21.78 -1.07
C THR A 57 20.09 -22.51 -0.97
N TYR A 58 19.03 -21.74 -0.72
CA TYR A 58 17.69 -22.30 -0.60
C TYR A 58 16.68 -21.41 -1.31
N TYR A 59 15.63 -21.99 -1.86
CA TYR A 59 14.69 -21.27 -2.70
C TYR A 59 13.25 -21.69 -2.40
N ALA A 60 12.33 -20.74 -2.43
CA ALA A 60 10.91 -21.07 -2.37
C ALA A 60 10.50 -21.73 -3.67
N ASP A 61 9.58 -22.68 -3.60
CA ASP A 61 9.13 -23.40 -4.79
C ASP A 61 8.66 -22.46 -5.92
N SER A 62 8.15 -21.29 -5.56
CA SER A 62 7.65 -20.35 -6.55
C SER A 62 8.78 -19.68 -7.36
N VAL A 63 10.02 -19.79 -6.90
CA VAL A 63 11.14 -19.18 -7.64
C VAL A 63 12.26 -20.16 -7.94
N LYS A 64 12.18 -21.38 -7.41
CA LYS A 64 13.24 -22.36 -7.59
C LYS A 64 13.47 -22.67 -9.07
N GLY A 65 14.73 -22.73 -9.47
CA GLY A 65 15.07 -23.00 -10.85
C GLY A 65 15.13 -21.73 -11.69
N ARG A 66 14.61 -20.63 -11.16
CA ARG A 66 14.59 -19.36 -11.87
C ARG A 66 15.47 -18.30 -11.20
N PHE A 67 15.59 -18.36 -9.87
CA PHE A 67 16.39 -17.38 -9.14
C PHE A 67 17.72 -17.99 -8.72
N ALA A 68 18.73 -17.16 -8.47
CA ALA A 68 20.01 -17.62 -7.95
C ALA A 68 20.52 -16.65 -6.88
N VAL A 69 20.70 -17.13 -5.66
CA VAL A 69 21.14 -16.26 -4.58
C VAL A 69 22.60 -16.54 -4.25
N SER A 70 23.36 -15.50 -3.95
CA SER A 70 24.77 -15.64 -3.60
C SER A 70 25.21 -14.53 -2.68
N ARG A 71 26.40 -14.68 -2.12
CA ARG A 71 26.91 -13.68 -1.19
C ARG A 71 28.41 -13.57 -1.31
N GLU A 72 28.93 -12.44 -0.86
CA GLU A 72 30.36 -12.25 -0.75
C GLU A 72 30.63 -11.77 0.66
N ASN A 73 31.03 -12.69 1.52
CA ASN A 73 31.29 -12.37 2.92
C ASN A 73 32.29 -11.24 3.10
N ALA A 74 33.33 -11.22 2.26
CA ALA A 74 34.41 -10.25 2.40
C ALA A 74 33.93 -8.84 2.10
N LYS A 75 32.91 -8.73 1.26
CA LYS A 75 32.35 -7.42 0.91
C LYS A 75 31.13 -7.10 1.76
N ASN A 76 30.75 -8.05 2.62
CA ASN A 76 29.53 -7.93 3.43
C ASN A 76 28.32 -7.63 2.55
N SER A 77 28.30 -8.25 1.38
CA SER A 77 27.22 -8.03 0.42
C SER A 77 26.59 -9.34 -0.03
N LEU A 78 25.37 -9.22 -0.52
CA LEU A 78 24.53 -10.35 -0.90
C LEU A 78 23.82 -9.98 -2.20
N SER A 79 23.46 -10.96 -3.00
CA SER A 79 22.78 -10.64 -4.25
C SER A 79 21.69 -11.65 -4.61
N LEU A 80 20.72 -11.19 -5.38
CA LEU A 80 19.67 -12.05 -5.89
C LEU A 80 19.56 -11.90 -7.40
N GLN A 81 20.01 -12.92 -8.11
CA GLN A 81 19.85 -12.97 -9.56
C GLN A 81 18.44 -13.47 -9.85
N MET A 82 17.62 -12.62 -10.49
CA MET A 82 16.24 -12.93 -10.79
C MET A 82 16.04 -13.08 -12.30
N ASN A 83 15.75 -14.29 -12.75
CA ASN A 83 15.62 -14.55 -14.18
C ASN A 83 14.29 -15.19 -14.55
N SER A 84 14.04 -15.31 -15.86
CA SER A 84 12.79 -15.85 -16.38
C SER A 84 11.61 -15.24 -15.60
N LEU A 85 11.62 -13.93 -15.49
CA LEU A 85 10.69 -13.23 -14.62
C LEU A 85 9.26 -13.24 -15.19
N THR A 86 8.28 -13.22 -14.30
CA THR A 86 6.87 -13.13 -14.67
C THR A 86 6.22 -12.01 -13.87
N ALA A 87 5.06 -11.55 -14.30
CA ALA A 87 4.33 -10.47 -13.60
C ALA A 87 4.08 -10.79 -12.13
N GLY A 88 4.00 -12.08 -11.81
CA GLY A 88 3.80 -12.52 -10.45
C GLY A 88 5.00 -12.31 -9.53
N ASP A 89 6.15 -11.96 -10.12
CA ASP A 89 7.34 -11.66 -9.33
C ASP A 89 7.36 -10.17 -8.94
N THR A 90 6.43 -9.40 -9.47
CA THR A 90 6.25 -8.00 -9.09
C THR A 90 6.02 -7.89 -7.59
N ALA A 91 6.85 -7.11 -6.92
CA ALA A 91 6.84 -7.04 -5.46
C ALA A 91 7.85 -6.05 -4.94
N ILE A 92 7.69 -5.69 -3.67
CA ILE A 92 8.76 -5.09 -2.92
C ILE A 92 9.64 -6.22 -2.36
N TYR A 93 10.92 -6.20 -2.70
CA TYR A 93 11.85 -7.20 -2.19
C TYR A 93 12.68 -6.65 -1.03
N TYR A 94 12.73 -7.41 0.05
CA TYR A 94 13.51 -7.03 1.22
C TYR A 94 14.73 -7.94 1.42
N CYS A 95 15.90 -7.34 1.57
CA CYS A 95 17.06 -8.02 2.11
C CYS A 95 16.85 -8.16 3.62
N VAL A 96 17.02 -9.37 4.16
CA VAL A 96 16.68 -9.65 5.55
C VAL A 96 17.74 -10.48 6.27
N ARG A 97 18.08 -10.09 7.50
CA ARG A 97 18.95 -10.90 8.33
C ARG A 97 18.15 -11.85 9.21
N SER A 98 18.54 -13.12 9.23
CA SER A 98 17.92 -14.06 10.15
C SER A 98 18.68 -14.06 11.47
N ASP A 99 17.95 -14.26 12.57
CA ASP A 99 18.58 -14.37 13.87
C ASP A 99 19.57 -15.53 13.85
N ARG A 100 20.79 -15.27 14.33
CA ARG A 100 21.82 -16.30 14.41
C ARG A 100 21.44 -17.31 15.49
N GLY A 101 21.35 -18.58 15.11
CA GLY A 101 20.96 -19.63 16.04
C GLY A 101 19.56 -20.15 15.75
N VAL A 102 18.82 -19.38 14.97
CA VAL A 102 17.45 -19.74 14.61
C VAL A 102 17.26 -19.66 13.09
N ALA A 103 16.51 -20.59 12.52
CA ALA A 103 16.30 -20.60 11.08
C ALA A 103 14.97 -19.97 10.70
N GLY A 104 15.05 -18.85 9.98
CA GLY A 104 13.86 -18.20 9.45
C GLY A 104 13.28 -17.10 10.31
N LEU A 105 14.02 -16.68 11.33
CA LEU A 105 13.56 -15.63 12.23
C LEU A 105 14.12 -14.27 11.78
N PHE A 106 13.25 -13.48 11.16
CA PHE A 106 13.69 -12.27 10.47
C PHE A 106 13.68 -11.06 11.38
N ASP A 107 14.84 -10.79 11.98
CA ASP A 107 14.92 -9.76 13.02
C ASP A 107 15.38 -8.41 12.47
N SER A 108 16.01 -8.43 11.30
CA SER A 108 16.45 -7.19 10.67
C SER A 108 16.00 -7.14 9.22
N TRP A 109 15.31 -6.06 8.84
CA TRP A 109 14.82 -5.91 7.48
C TRP A 109 15.42 -4.70 6.76
N GLY A 110 15.69 -4.85 5.47
CA GLY A 110 16.19 -3.75 4.66
C GLY A 110 15.09 -2.73 4.39
N GLN A 111 15.34 -1.78 3.50
CA GLN A 111 14.34 -0.75 3.25
C GLN A 111 13.32 -1.22 2.23
N GLY A 112 13.71 -2.22 1.45
CA GLY A 112 12.83 -2.78 0.45
C GLY A 112 13.06 -2.08 -0.88
N ILE A 113 12.99 -2.84 -1.96
CA ILE A 113 13.13 -2.26 -3.28
C ILE A 113 12.06 -2.79 -4.22
N LEU A 114 11.50 -1.89 -5.02
CA LEU A 114 10.41 -2.26 -5.90
C LEU A 114 10.93 -2.91 -7.18
N VAL A 115 10.36 -4.08 -7.48
CA VAL A 115 10.60 -4.74 -8.77
C VAL A 115 9.26 -4.90 -9.46
N THR A 116 9.17 -4.39 -10.68
CA THR A 116 7.96 -4.54 -11.48
C THR A 116 8.27 -5.32 -12.75
N VAL A 117 7.46 -6.36 -13.01
CA VAL A 117 7.61 -7.15 -14.22
C VAL A 117 6.36 -7.00 -15.07
N SER A 118 6.54 -6.41 -16.25
CA SER A 118 5.42 -6.17 -17.15
C SER A 118 5.96 -5.98 -18.55
N SER A 119 5.11 -6.19 -19.55
CA SER A 119 5.54 -5.95 -20.92
C SER A 119 5.30 -4.49 -21.29
N ALA A 120 4.67 -3.74 -20.38
CA ALA A 120 4.33 -2.33 -20.63
C ALA A 120 5.57 -1.45 -20.56
N SER A 121 5.69 -0.54 -21.52
CA SER A 121 6.78 0.43 -21.51
C SER A 121 6.58 1.49 -20.43
N THR A 122 7.69 2.05 -19.96
CA THR A 122 7.66 3.20 -19.07
C THR A 122 6.83 4.29 -19.73
N LYS A 123 6.06 5.02 -18.92
CA LYS A 123 5.23 6.08 -19.46
C LYS A 123 4.96 7.14 -18.39
N GLY A 124 5.17 8.41 -18.74
CA GLY A 124 4.93 9.50 -17.81
C GLY A 124 3.45 9.79 -17.66
N PRO A 125 3.05 10.36 -16.52
CA PRO A 125 1.62 10.66 -16.34
C PRO A 125 1.16 11.91 -17.06
N SER A 126 -0.12 11.91 -17.42
CA SER A 126 -0.79 13.15 -17.75
C SER A 126 -1.37 13.67 -16.44
N VAL A 127 -1.23 14.96 -16.20
CA VAL A 127 -1.71 15.53 -14.94
C VAL A 127 -2.84 16.52 -15.24
N PHE A 128 -4.01 16.26 -14.68
CA PHE A 128 -5.18 17.10 -14.93
C PHE A 128 -5.68 17.71 -13.64
N PRO A 129 -6.16 18.97 -13.70
CA PRO A 129 -6.69 19.60 -12.50
C PRO A 129 -8.03 19.01 -12.07
N LEU A 130 -8.24 18.89 -10.76
CA LEU A 130 -9.56 18.63 -10.22
C LEU A 130 -10.04 19.96 -9.65
N ALA A 131 -10.84 20.68 -10.43
CA ALA A 131 -11.15 22.07 -10.12
C ALA A 131 -12.26 22.22 -9.10
N PRO A 132 -12.02 23.04 -8.07
CA PRO A 132 -13.00 23.30 -7.01
C PRO A 132 -14.23 24.07 -7.52
N SER A 133 -15.36 23.91 -6.83
CA SER A 133 -16.59 24.61 -7.19
C SER A 133 -16.97 25.64 -6.13
N GLY A 139 -18.47 27.88 0.62
CA GLY A 139 -19.34 27.47 1.70
C GLY A 139 -18.56 26.98 2.91
N GLY A 140 -17.50 27.70 3.24
CA GLY A 140 -16.62 27.29 4.32
C GLY A 140 -15.44 26.48 3.82
N THR A 141 -15.71 25.26 3.38
CA THR A 141 -14.65 24.34 2.96
C THR A 141 -14.75 23.96 1.49
N ALA A 142 -13.63 24.02 0.78
CA ALA A 142 -13.59 23.62 -0.62
C ALA A 142 -12.54 22.53 -0.86
N ALA A 143 -12.82 21.65 -1.81
CA ALA A 143 -11.86 20.62 -2.19
C ALA A 143 -11.33 20.85 -3.59
N LEU A 144 -10.06 20.56 -3.80
CA LEU A 144 -9.46 20.64 -5.12
C LEU A 144 -8.40 19.56 -5.24
N GLY A 145 -7.94 19.30 -6.46
CA GLY A 145 -6.98 18.24 -6.64
C GLY A 145 -6.31 18.13 -8.00
N CYS A 146 -5.51 17.08 -8.13
CA CYS A 146 -4.88 16.72 -9.39
C CYS A 146 -5.12 15.25 -9.66
N LEU A 147 -5.49 14.95 -10.89
CA LEU A 147 -5.60 13.57 -11.34
C LEU A 147 -4.33 13.20 -12.08
N VAL A 148 -3.66 12.14 -11.61
CA VAL A 148 -2.37 11.75 -12.18
C VAL A 148 -2.57 10.42 -12.89
N LYS A 149 -2.74 10.49 -14.20
CA LYS A 149 -3.32 9.37 -14.93
C LYS A 149 -2.38 8.74 -15.94
N ASP A 150 -2.50 7.42 -16.08
CA ASP A 150 -1.84 6.66 -17.15
C ASP A 150 -0.33 6.71 -17.09
N TYR A 151 0.24 6.34 -15.95
CA TYR A 151 1.69 6.26 -15.86
C TYR A 151 2.13 4.83 -15.54
N PHE A 152 3.42 4.57 -15.70
CA PHE A 152 3.99 3.25 -15.48
C PHE A 152 5.51 3.34 -15.47
N PRO A 153 6.18 2.66 -14.53
CA PRO A 153 5.60 1.88 -13.43
C PRO A 153 5.38 2.80 -12.23
N GLU A 154 5.11 2.24 -11.07
CA GLU A 154 5.18 3.00 -9.83
C GLU A 154 6.65 3.33 -9.54
N PRO A 155 6.92 4.37 -8.74
CA PRO A 155 5.95 5.27 -8.09
C PRO A 155 5.91 6.66 -8.70
N VAL A 156 4.93 7.46 -8.27
CA VAL A 156 4.95 8.89 -8.49
C VAL A 156 4.99 9.57 -7.13
N THR A 157 5.51 10.78 -7.08
CA THR A 157 5.36 11.59 -5.87
C THR A 157 4.53 12.80 -6.23
N VAL A 158 3.68 13.21 -5.30
CA VAL A 158 2.85 14.39 -5.47
C VAL A 158 3.00 15.28 -4.26
N SER A 159 3.25 16.56 -4.50
CA SER A 159 3.26 17.54 -3.42
C SER A 159 2.39 18.72 -3.81
N TRP A 160 2.04 19.54 -2.83
CA TRP A 160 1.26 20.74 -3.11
C TRP A 160 2.06 21.95 -2.65
N ASN A 161 2.22 22.90 -3.56
CA ASN A 161 2.98 24.12 -3.27
C ASN A 161 4.38 23.76 -2.79
N SER A 162 4.95 22.74 -3.44
CA SER A 162 6.32 22.29 -3.22
C SER A 162 6.56 21.86 -1.77
N GLY A 163 5.51 21.34 -1.14
CA GLY A 163 5.61 20.85 0.21
C GLY A 163 5.15 21.85 1.26
N ALA A 164 4.91 23.09 0.84
CA ALA A 164 4.45 24.13 1.75
C ALA A 164 3.02 23.88 2.23
N LEU A 165 2.26 23.11 1.46
CA LEU A 165 0.89 22.78 1.84
C LEU A 165 0.76 21.31 2.14
N THR A 166 0.48 20.99 3.40
CA THR A 166 0.46 19.61 3.87
C THR A 166 -0.88 19.28 4.54
N SER A 167 -1.43 20.26 5.22
CA SER A 167 -2.66 20.07 5.99
C SER A 167 -3.84 19.78 5.08
N GLY A 168 -4.56 18.70 5.39
CA GLY A 168 -5.74 18.34 4.63
C GLY A 168 -5.44 17.70 3.28
N VAL A 169 -4.17 17.44 3.00
CA VAL A 169 -3.79 16.75 1.77
C VAL A 169 -4.03 15.26 1.89
N HIS A 170 -4.70 14.68 0.89
CA HIS A 170 -4.84 13.24 0.79
C HIS A 170 -4.38 12.78 -0.58
N THR A 171 -3.31 11.98 -0.61
CA THR A 171 -2.84 11.39 -1.86
C THR A 171 -3.20 9.91 -1.85
N PHE A 172 -4.05 9.53 -2.79
CA PHE A 172 -4.61 8.19 -2.78
C PHE A 172 -3.63 7.16 -3.32
N PRO A 173 -3.70 5.94 -2.80
CA PRO A 173 -2.88 4.87 -3.40
C PRO A 173 -3.23 4.72 -4.86
N ALA A 174 -2.23 4.42 -5.68
CA ALA A 174 -2.48 4.23 -7.11
C ALA A 174 -3.38 3.03 -7.34
N VAL A 175 -4.13 3.06 -8.44
CA VAL A 175 -4.87 1.88 -8.86
C VAL A 175 -4.39 1.51 -10.25
N LEU A 176 -4.33 0.20 -10.52
CA LEU A 176 -3.98 -0.27 -11.85
C LEU A 176 -5.25 -0.29 -12.69
N GLN A 177 -5.20 0.40 -13.82
CA GLN A 177 -6.35 0.43 -14.72
C GLN A 177 -6.30 -0.78 -15.63
N SER A 178 -7.42 -1.07 -16.29
CA SER A 178 -7.49 -2.24 -17.16
C SER A 178 -6.54 -2.12 -18.35
N SER A 179 -6.14 -0.89 -18.67
CA SER A 179 -5.11 -0.63 -19.67
C SER A 179 -3.73 -1.08 -19.22
N GLY A 180 -3.59 -1.42 -17.94
CA GLY A 180 -2.30 -1.82 -17.40
C GLY A 180 -1.45 -0.64 -16.99
N LEU A 181 -2.05 0.55 -16.97
CA LEU A 181 -1.35 1.76 -16.52
C LEU A 181 -1.93 2.25 -15.19
N TYR A 182 -1.09 2.89 -14.36
CA TYR A 182 -1.54 3.38 -13.07
C TYR A 182 -2.24 4.73 -13.16
N SER A 183 -3.06 5.00 -12.14
CA SER A 183 -3.67 6.31 -11.98
C SER A 183 -3.91 6.59 -10.52
N LEU A 184 -3.77 7.85 -10.11
CA LEU A 184 -4.18 8.23 -8.77
C LEU A 184 -4.57 9.69 -8.77
N SER A 185 -5.21 10.09 -7.68
CA SER A 185 -5.54 11.48 -7.46
C SER A 185 -4.91 11.96 -6.17
N SER A 186 -4.65 13.26 -6.12
CA SER A 186 -4.25 13.90 -4.90
C SER A 186 -5.21 15.06 -4.68
N VAL A 187 -5.76 15.17 -3.46
CA VAL A 187 -6.72 16.22 -3.13
C VAL A 187 -6.29 16.97 -1.88
N VAL A 188 -6.78 18.20 -1.75
CA VAL A 188 -6.55 18.98 -0.55
C VAL A 188 -7.80 19.78 -0.19
N THR A 189 -8.13 19.83 1.09
CA THR A 189 -9.21 20.66 1.63
C THR A 189 -8.68 22.04 2.02
N VAL A 190 -9.35 23.10 1.58
CA VAL A 190 -8.91 24.48 1.84
C VAL A 190 -10.13 25.37 2.14
N PRO A 191 -9.91 26.52 2.83
CA PRO A 191 -11.04 27.44 3.00
C PRO A 191 -11.52 27.97 1.67
N SER A 192 -12.81 27.86 1.40
CA SER A 192 -13.38 28.30 0.13
C SER A 192 -13.15 29.78 -0.12
N SER A 193 -12.93 30.53 0.96
CA SER A 193 -12.68 31.96 0.86
C SER A 193 -11.27 32.26 0.36
N SER A 194 -10.43 31.22 0.24
CA SER A 194 -9.07 31.39 -0.26
C SER A 194 -9.00 31.18 -1.76
N LEU A 195 -10.09 30.71 -2.36
CA LEU A 195 -10.13 30.46 -3.80
C LEU A 195 -10.10 31.79 -4.55
N GLY A 196 -9.33 31.84 -5.63
CA GLY A 196 -9.22 33.06 -6.42
C GLY A 196 -8.08 33.97 -6.01
N THR A 197 -7.63 33.87 -4.76
CA THR A 197 -6.54 34.72 -4.28
C THR A 197 -5.28 33.92 -3.95
N GLN A 198 -5.47 32.69 -3.46
CA GLN A 198 -4.35 31.84 -3.09
C GLN A 198 -4.06 30.83 -4.20
N THR A 199 -2.79 30.64 -4.52
CA THR A 199 -2.40 29.76 -5.62
C THR A 199 -2.19 28.31 -5.16
N TYR A 200 -2.78 27.37 -5.91
CA TYR A 200 -2.60 25.96 -5.61
C TYR A 200 -1.99 25.23 -6.80
N ILE A 201 -0.83 24.63 -6.57
CA ILE A 201 -0.14 23.90 -7.62
C ILE A 201 0.21 22.51 -7.10
N CYS A 202 -0.10 21.48 -7.88
CA CYS A 202 0.31 20.15 -7.49
C CYS A 202 1.59 19.83 -8.25
N ASN A 203 2.57 19.32 -7.53
CA ASN A 203 3.85 18.98 -8.15
C ASN A 203 3.97 17.48 -8.29
N VAL A 204 4.06 17.02 -9.52
CA VAL A 204 4.11 15.59 -9.80
C VAL A 204 5.47 15.22 -10.37
N ASN A 205 6.11 14.23 -9.77
CA ASN A 205 7.38 13.73 -10.24
C ASN A 205 7.26 12.24 -10.51
N HIS A 206 7.63 11.84 -11.71
CA HIS A 206 7.65 10.43 -12.05
C HIS A 206 9.05 10.06 -12.54
N LYS A 207 9.90 9.69 -11.58
CA LYS A 207 11.32 9.40 -11.87
C LYS A 207 11.57 8.33 -12.95
N PRO A 208 10.86 7.17 -12.91
CA PRO A 208 11.16 6.17 -13.95
C PRO A 208 11.05 6.69 -15.39
N SER A 209 10.20 7.67 -15.64
CA SER A 209 10.03 8.17 -17.00
C SER A 209 10.65 9.55 -17.19
N ASN A 210 11.32 10.05 -16.15
CA ASN A 210 11.86 11.41 -16.13
C ASN A 210 10.82 12.47 -16.49
N THR A 211 9.62 12.30 -15.94
CA THR A 211 8.55 13.25 -16.18
C THR A 211 8.35 14.08 -14.91
N LYS A 212 8.26 15.39 -15.09
CA LYS A 212 8.06 16.32 -13.99
C LYS A 212 7.01 17.33 -14.43
N VAL A 213 5.91 17.38 -13.69
CA VAL A 213 4.80 18.25 -14.04
C VAL A 213 4.36 19.07 -12.85
N ASP A 214 4.26 20.38 -13.03
CA ASP A 214 3.66 21.23 -12.02
C ASP A 214 2.38 21.81 -12.60
N LYS A 215 1.25 21.45 -12.01
CA LYS A 215 -0.04 21.86 -12.54
C LYS A 215 -0.77 22.82 -11.60
N LYS A 216 -1.11 23.99 -12.11
CA LYS A 216 -1.87 24.97 -11.36
C LYS A 216 -3.35 24.62 -11.47
N VAL A 217 -4.01 24.55 -10.32
CA VAL A 217 -5.42 24.21 -10.29
C VAL A 217 -6.24 25.47 -9.98
N GLU A 218 -6.88 26.02 -11.02
CA GLU A 218 -7.71 27.21 -10.89
C GLU A 218 -9.16 26.85 -10.58
N PRO A 219 -9.88 27.73 -9.88
CA PRO A 219 -11.29 27.44 -9.57
C PRO A 219 -12.15 27.28 -10.81
N LYS A 220 -13.23 26.51 -10.69
CA LYS A 220 -14.23 26.34 -11.74
C LYS A 220 -13.63 25.72 -12.99
N ASP B 1 2.84 -26.61 9.64
CA ASP B 1 3.59 -25.40 9.31
C ASP B 1 3.50 -25.07 7.82
N ILE B 2 2.83 -25.94 7.07
CA ILE B 2 2.76 -25.79 5.62
C ILE B 2 1.86 -24.62 5.21
N GLN B 3 0.90 -24.27 6.06
CA GLN B 3 -0.03 -23.17 5.76
C GLN B 3 -0.42 -22.38 7.01
N MET B 4 -0.21 -21.06 6.97
CA MET B 4 -0.70 -20.16 8.02
C MET B 4 -1.90 -19.36 7.54
N THR B 5 -2.93 -19.31 8.37
CA THR B 5 -4.10 -18.46 8.10
C THR B 5 -4.45 -17.63 9.33
N GLN B 6 -4.78 -16.36 9.11
CA GLN B 6 -5.07 -15.45 10.21
C GLN B 6 -6.53 -15.02 10.23
N SER B 7 -7.01 -14.68 11.42
CA SER B 7 -8.35 -14.18 11.60
C SER B 7 -8.38 -13.10 12.66
N PRO B 8 -9.17 -12.03 12.42
CA PRO B 8 -9.84 -11.80 11.14
C PRO B 8 -8.91 -11.11 10.14
N SER B 9 -9.46 -10.66 9.01
CA SER B 9 -8.66 -9.92 8.04
C SER B 9 -8.46 -8.49 8.52
N SER B 10 -9.43 -8.01 9.28
CA SER B 10 -9.41 -6.65 9.81
C SER B 10 -10.18 -6.59 11.13
N LEU B 11 -9.76 -5.68 12.00
CA LEU B 11 -10.50 -5.45 13.24
C LEU B 11 -10.36 -4.01 13.70
N SER B 12 -11.39 -3.54 14.41
CA SER B 12 -11.42 -2.19 14.92
C SER B 12 -11.59 -2.21 16.44
N ALA B 13 -10.96 -1.26 17.11
CA ALA B 13 -11.15 -1.09 18.55
C ALA B 13 -10.70 0.30 18.97
N SER B 14 -11.29 0.79 20.06
CA SER B 14 -10.95 2.12 20.58
C SER B 14 -9.61 2.09 21.30
N VAL B 15 -9.01 3.28 21.41
CA VAL B 15 -7.79 3.46 22.19
C VAL B 15 -8.02 2.97 23.64
N GLY B 16 -7.13 2.10 24.12
CA GLY B 16 -7.28 1.53 25.44
C GLY B 16 -7.96 0.17 25.49
N ASP B 17 -8.56 -0.25 24.38
CA ASP B 17 -9.24 -1.54 24.35
C ASP B 17 -8.25 -2.69 24.17
N ARG B 18 -8.72 -3.91 24.48
CA ARG B 18 -7.93 -5.12 24.28
C ARG B 18 -8.40 -5.88 23.05
N ILE B 19 -7.46 -6.29 22.22
CA ILE B 19 -7.78 -7.05 21.02
C ILE B 19 -6.96 -8.32 20.94
N THR B 20 -7.45 -9.28 20.16
CA THR B 20 -6.75 -10.55 19.98
C THR B 20 -6.76 -10.97 18.52
N ILE B 21 -5.57 -11.19 17.98
CA ILE B 21 -5.41 -11.71 16.62
C ILE B 21 -5.15 -13.20 16.68
N THR B 22 -5.80 -13.98 15.82
CA THR B 22 -5.58 -15.41 15.82
C THR B 22 -4.89 -15.88 14.55
N CYS B 23 -3.94 -16.79 14.72
CA CYS B 23 -3.23 -17.41 13.62
C CYS B 23 -3.45 -18.93 13.66
N ARG B 24 -4.04 -19.46 12.60
CA ARG B 24 -4.32 -20.89 12.51
C ARG B 24 -3.28 -21.60 11.65
N ALA B 25 -2.70 -22.68 12.18
CA ALA B 25 -1.76 -23.49 11.43
C ALA B 25 -2.42 -24.78 10.99
N SER B 26 -2.08 -25.25 9.80
CA SER B 26 -2.65 -26.49 9.28
C SER B 26 -2.03 -27.71 9.98
N GLN B 27 -0.79 -27.56 10.43
CA GLN B 27 -0.06 -28.64 11.09
C GLN B 27 0.80 -28.08 12.21
N ALA B 28 1.11 -28.92 13.20
CA ALA B 28 1.93 -28.49 14.33
C ALA B 28 3.41 -28.48 13.94
N PHE B 29 4.20 -27.73 14.71
CA PHE B 29 5.62 -27.58 14.42
C PHE B 29 6.40 -27.08 15.64
N ASP B 30 6.03 -27.58 16.82
CA ASP B 30 6.69 -27.24 18.09
C ASP B 30 6.62 -25.75 18.41
N ASN B 31 5.51 -25.14 18.04
CA ASN B 31 5.15 -23.76 18.44
C ASN B 31 6.19 -22.69 18.11
N TYR B 32 6.87 -22.84 16.97
CA TYR B 32 7.79 -21.82 16.50
C TYR B 32 7.04 -20.79 15.64
N VAL B 33 6.35 -19.88 16.32
CA VAL B 33 5.54 -18.85 15.66
C VAL B 33 6.07 -17.45 15.94
N ALA B 34 6.32 -16.69 14.89
CA ALA B 34 6.74 -15.30 15.04
C ALA B 34 5.63 -14.36 14.63
N TRP B 35 5.63 -13.16 15.21
CA TRP B 35 4.69 -12.11 14.85
C TRP B 35 5.44 -10.88 14.38
N TYR B 36 4.98 -10.30 13.28
CA TYR B 36 5.59 -9.08 12.76
C TYR B 36 4.57 -7.96 12.69
N GLN B 37 5.05 -6.74 12.91
CA GLN B 37 4.21 -5.55 12.82
C GLN B 37 4.67 -4.73 11.62
N GLN B 38 3.75 -4.40 10.73
CA GLN B 38 4.09 -3.51 9.63
C GLN B 38 3.19 -2.29 9.64
N ARG B 39 3.75 -1.16 10.04
CA ARG B 39 3.00 0.08 10.04
C ARG B 39 2.83 0.55 8.61
N PRO B 40 1.74 1.29 8.32
CA PRO B 40 1.47 1.71 6.94
C PRO B 40 2.66 2.45 6.31
N GLY B 41 3.05 2.03 5.12
CA GLY B 41 4.16 2.62 4.41
C GLY B 41 5.52 2.31 5.01
N LYS B 42 5.56 1.39 5.98
CA LYS B 42 6.83 1.08 6.61
C LYS B 42 7.22 -0.39 6.44
N VAL B 43 8.42 -0.70 6.90
CA VAL B 43 9.02 -2.02 6.78
C VAL B 43 8.56 -2.90 7.94
N PRO B 44 8.33 -4.20 7.69
CA PRO B 44 7.91 -5.07 8.79
C PRO B 44 8.93 -5.10 9.92
N LYS B 45 8.44 -5.24 11.15
CA LYS B 45 9.31 -5.36 12.31
C LYS B 45 8.92 -6.56 13.17
N LEU B 46 9.92 -7.30 13.65
CA LEU B 46 9.66 -8.49 14.45
C LEU B 46 9.20 -8.07 15.84
N LEU B 47 8.04 -8.57 16.24
CA LEU B 47 7.48 -8.23 17.54
C LEU B 47 7.72 -9.31 18.57
N ILE B 48 7.38 -10.54 18.18
CA ILE B 48 7.29 -11.67 19.08
C ILE B 48 7.82 -12.94 18.41
N SER B 49 8.57 -13.74 19.14
CA SER B 49 9.00 -15.06 18.67
C SER B 49 8.66 -16.10 19.74
N ALA B 50 8.91 -17.37 19.43
CA ALA B 50 8.59 -18.47 20.34
C ALA B 50 7.15 -18.34 20.86
N ALA B 51 6.27 -17.91 19.96
CA ALA B 51 4.86 -17.67 20.25
C ALA B 51 4.60 -16.58 21.31
N SER B 52 5.49 -16.44 22.29
CA SER B 52 5.23 -15.55 23.43
C SER B 52 6.37 -14.62 23.85
N ALA B 53 7.52 -14.72 23.20
CA ALA B 53 8.69 -13.92 23.61
C ALA B 53 8.74 -12.55 22.93
N LEU B 54 8.45 -11.51 23.69
CA LEU B 54 8.49 -10.12 23.19
C LEU B 54 9.91 -9.72 22.80
N HIS B 55 10.03 -8.96 21.72
CA HIS B 55 11.35 -8.52 21.26
C HIS B 55 11.63 -7.08 21.65
N ALA B 56 12.78 -6.57 21.23
CA ALA B 56 13.23 -5.25 21.67
C ALA B 56 12.28 -4.14 21.26
N GLY B 57 11.93 -3.29 22.22
CA GLY B 57 11.20 -2.07 21.94
C GLY B 57 9.70 -2.23 21.84
N VAL B 58 9.19 -3.44 22.05
CA VAL B 58 7.75 -3.65 22.01
C VAL B 58 7.17 -3.51 23.42
N PRO B 59 6.09 -2.73 23.55
CA PRO B 59 5.46 -2.47 24.85
C PRO B 59 4.85 -3.74 25.47
N SER B 60 4.78 -3.78 26.80
CA SER B 60 4.28 -4.95 27.51
C SER B 60 2.79 -5.18 27.29
N ARG B 61 2.13 -4.25 26.61
CA ARG B 61 0.73 -4.45 26.26
C ARG B 61 0.59 -5.49 25.16
N PHE B 62 1.69 -5.78 24.46
CA PHE B 62 1.71 -6.89 23.48
C PHE B 62 1.96 -8.23 24.16
N SER B 63 1.13 -9.23 23.83
CA SER B 63 1.34 -10.57 24.34
C SER B 63 0.93 -11.64 23.32
N GLY B 64 1.61 -12.78 23.38
CA GLY B 64 1.30 -13.90 22.51
C GLY B 64 1.18 -15.19 23.30
N SER B 65 0.21 -16.02 22.94
CA SER B 65 0.05 -17.32 23.59
C SER B 65 -0.47 -18.35 22.59
N GLY B 66 -0.66 -19.57 23.04
CA GLY B 66 -1.14 -20.63 22.16
C GLY B 66 -0.13 -21.73 21.96
N SER B 67 -0.58 -22.81 21.34
CA SER B 67 0.27 -23.98 21.11
C SER B 67 -0.35 -24.88 20.05
N GLY B 68 0.41 -25.86 19.58
CA GLY B 68 -0.06 -26.76 18.55
C GLY B 68 -0.28 -26.01 17.25
N THR B 69 -1.54 -25.78 16.91
CA THR B 69 -1.89 -25.07 15.68
C THR B 69 -2.69 -23.80 15.94
N HIS B 70 -3.08 -23.58 17.19
CA HIS B 70 -3.81 -22.37 17.56
C HIS B 70 -2.86 -21.38 18.22
N PHE B 71 -2.72 -20.21 17.62
CA PHE B 71 -1.80 -19.19 18.11
C PHE B 71 -2.49 -17.82 18.12
N THR B 72 -2.13 -16.99 19.08
CA THR B 72 -2.79 -15.70 19.21
C THR B 72 -1.87 -14.56 19.65
N LEU B 73 -2.18 -13.36 19.20
CA LEU B 73 -1.48 -12.14 19.58
C LEU B 73 -2.47 -11.17 20.22
N THR B 74 -2.12 -10.66 21.40
CA THR B 74 -3.03 -9.77 22.11
C THR B 74 -2.41 -8.42 22.43
N ILE B 75 -3.14 -7.35 22.15
CA ILE B 75 -2.77 -6.01 22.62
C ILE B 75 -3.75 -5.59 23.71
N SER B 76 -3.24 -5.27 24.89
CA SER B 76 -4.07 -5.07 26.07
C SER B 76 -4.51 -3.62 26.31
N SER B 77 -3.93 -2.69 25.54
CA SER B 77 -4.29 -1.28 25.66
C SER B 77 -3.99 -0.59 24.35
N LEU B 78 -4.85 -0.83 23.36
CA LEU B 78 -4.60 -0.41 21.99
C LEU B 78 -4.27 1.08 21.89
N GLN B 79 -3.17 1.37 21.19
CA GLN B 79 -2.72 2.75 21.02
C GLN B 79 -2.64 3.10 19.53
N PRO B 80 -2.74 4.40 19.18
CA PRO B 80 -2.70 4.78 17.76
C PRO B 80 -1.47 4.24 17.03
N GLU B 81 -0.31 4.22 17.68
CA GLU B 81 0.90 3.71 17.04
C GLU B 81 0.85 2.19 16.80
N ASP B 82 -0.18 1.53 17.32
CA ASP B 82 -0.36 0.10 17.07
C ASP B 82 -1.09 -0.17 15.75
N VAL B 83 -1.61 0.88 15.12
CA VAL B 83 -2.31 0.73 13.85
C VAL B 83 -1.32 0.25 12.79
N ALA B 84 -1.56 -0.95 12.28
CA ALA B 84 -0.61 -1.64 11.43
C ALA B 84 -1.21 -2.94 10.94
N THR B 85 -0.47 -3.65 10.09
CA THR B 85 -0.84 -5.00 9.72
C THR B 85 0.08 -5.98 10.45
N TYR B 86 -0.52 -6.97 11.08
CA TYR B 86 0.26 -7.96 11.83
C TYR B 86 0.27 -9.30 11.11
N TYR B 87 1.45 -9.86 10.96
CA TYR B 87 1.63 -11.15 10.28
C TYR B 87 2.18 -12.21 11.23
N CYS B 88 1.56 -13.39 11.23
CA CYS B 88 2.19 -14.52 11.90
C CYS B 88 3.03 -15.29 10.88
N GLN B 89 4.02 -16.01 11.36
CA GLN B 89 4.90 -16.78 10.50
C GLN B 89 5.47 -17.96 11.26
N ASN B 90 5.49 -19.13 10.62
CA ASN B 90 6.18 -20.28 11.16
C ASN B 90 7.65 -20.22 10.79
N TYR B 91 8.51 -20.44 11.76
CA TYR B 91 9.94 -20.49 11.47
C TYR B 91 10.53 -21.76 12.07
N ASN B 92 11.83 -21.96 11.89
CA ASN B 92 12.49 -23.19 12.30
C ASN B 92 11.73 -24.41 11.77
N SER B 93 11.18 -24.26 10.57
CA SER B 93 10.42 -25.32 9.93
C SER B 93 10.25 -25.00 8.45
N ALA B 94 9.67 -25.93 7.70
CA ALA B 94 9.51 -25.76 6.27
C ALA B 94 8.12 -26.16 5.79
N PRO B 95 7.57 -25.40 4.83
CA PRO B 95 8.18 -24.18 4.31
C PRO B 95 7.92 -22.97 5.20
N LEU B 96 8.73 -21.93 5.05
CA LEU B 96 8.52 -20.68 5.77
C LEU B 96 7.35 -19.95 5.17
N THR B 97 6.23 -19.86 5.88
CA THR B 97 5.07 -19.16 5.34
C THR B 97 4.49 -18.16 6.34
N PHE B 98 3.86 -17.11 5.80
CA PHE B 98 3.25 -16.06 6.59
C PHE B 98 1.74 -16.16 6.53
N GLY B 99 1.06 -15.75 7.60
CA GLY B 99 -0.38 -15.56 7.54
C GLY B 99 -0.69 -14.44 6.57
N GLY B 100 -1.96 -14.32 6.18
CA GLY B 100 -2.36 -13.30 5.23
C GLY B 100 -2.36 -11.91 5.84
N GLY B 101 -2.10 -11.83 7.13
CA GLY B 101 -2.08 -10.55 7.83
C GLY B 101 -3.42 -10.16 8.42
N THR B 102 -3.38 -9.45 9.54
CA THR B 102 -4.58 -8.86 10.12
C THR B 102 -4.38 -7.36 10.29
N LYS B 103 -5.27 -6.58 9.68
CA LYS B 103 -5.19 -5.13 9.70
C LYS B 103 -5.86 -4.59 10.97
N VAL B 104 -5.12 -3.85 11.77
CA VAL B 104 -5.67 -3.27 12.99
C VAL B 104 -5.93 -1.77 12.83
N GLU B 105 -7.15 -1.37 13.15
CA GLU B 105 -7.62 0.00 12.99
C GLU B 105 -8.11 0.57 14.33
N ILE B 106 -7.98 1.88 14.53
CA ILE B 106 -8.57 2.50 15.72
C ILE B 106 -10.05 2.83 15.45
N LYS B 107 -10.91 2.42 16.36
CA LYS B 107 -12.34 2.74 16.25
C LYS B 107 -12.65 4.09 16.90
N ARG B 108 -13.25 4.99 16.14
CA ARG B 108 -13.71 6.27 16.65
C ARG B 108 -15.22 6.38 16.45
N THR B 109 -15.78 7.53 16.81
CA THR B 109 -17.19 7.78 16.63
C THR B 109 -17.50 7.90 15.14
N VAL B 110 -18.74 7.59 14.78
CA VAL B 110 -19.15 7.65 13.39
C VAL B 110 -19.04 9.07 12.85
N ALA B 111 -18.48 9.22 11.66
CA ALA B 111 -18.34 10.51 11.01
C ALA B 111 -18.73 10.41 9.55
N ALA B 112 -19.75 11.17 9.17
CA ALA B 112 -20.21 11.20 7.78
C ALA B 112 -19.17 11.85 6.86
N PRO B 113 -19.09 11.38 5.61
CA PRO B 113 -18.16 12.03 4.68
C PRO B 113 -18.69 13.34 4.11
N SER B 114 -17.78 14.29 3.90
CA SER B 114 -18.06 15.40 3.03
C SER B 114 -17.88 14.88 1.62
N VAL B 115 -18.81 15.18 0.73
CA VAL B 115 -18.75 14.65 -0.63
C VAL B 115 -18.52 15.76 -1.65
N PHE B 116 -17.60 15.50 -2.57
CA PHE B 116 -17.25 16.46 -3.62
C PHE B 116 -17.21 15.76 -4.96
N ILE B 117 -17.68 16.41 -6.01
CA ILE B 117 -17.56 15.81 -7.33
C ILE B 117 -16.79 16.74 -8.25
N PHE B 118 -15.99 16.15 -9.14
CA PHE B 118 -15.16 16.90 -10.07
C PHE B 118 -15.40 16.43 -11.51
N PRO B 119 -15.83 17.34 -12.39
CA PRO B 119 -15.97 17.01 -13.80
C PRO B 119 -14.62 16.85 -14.49
N PRO B 120 -14.59 16.23 -15.68
CA PRO B 120 -13.28 16.18 -16.35
C PRO B 120 -12.82 17.55 -16.77
N SER B 121 -11.51 17.77 -16.68
CA SER B 121 -10.89 18.98 -17.19
C SER B 121 -11.02 19.04 -18.71
N ASP B 122 -10.99 20.26 -19.25
CA ASP B 122 -10.98 20.45 -20.70
C ASP B 122 -9.72 19.86 -21.32
N GLU B 123 -8.62 19.88 -20.56
CA GLU B 123 -7.36 19.35 -21.05
C GLU B 123 -7.46 17.85 -21.31
N GLN B 124 -8.14 17.13 -20.43
CA GLN B 124 -8.26 15.68 -20.60
C GLN B 124 -9.18 15.37 -21.77
N LEU B 125 -10.27 16.12 -21.90
CA LEU B 125 -11.20 15.95 -23.00
C LEU B 125 -10.51 16.08 -24.35
N LYS B 126 -9.51 16.95 -24.43
CA LYS B 126 -8.70 17.09 -25.64
C LYS B 126 -7.96 15.80 -25.97
N SER B 127 -7.65 15.00 -24.96
CA SER B 127 -6.88 13.78 -25.15
C SER B 127 -7.75 12.61 -25.61
N GLY B 128 -9.07 12.78 -25.50
CA GLY B 128 -10.00 11.77 -25.96
C GLY B 128 -10.59 10.92 -24.84
N THR B 129 -10.28 11.26 -23.60
CA THR B 129 -10.84 10.55 -22.45
C THR B 129 -11.44 11.52 -21.43
N ALA B 130 -12.29 10.99 -20.56
CA ALA B 130 -12.93 11.79 -19.53
C ALA B 130 -13.02 11.01 -18.23
N SER B 131 -12.46 11.57 -17.18
CA SER B 131 -12.58 10.98 -15.86
C SER B 131 -13.42 11.89 -14.97
N VAL B 132 -14.44 11.32 -14.33
CA VAL B 132 -15.23 12.05 -13.35
C VAL B 132 -14.81 11.54 -11.97
N VAL B 133 -14.50 12.45 -11.04
CA VAL B 133 -13.99 12.02 -9.74
C VAL B 133 -14.95 12.40 -8.62
N CYS B 134 -15.27 11.42 -7.77
CA CYS B 134 -16.09 11.64 -6.59
C CYS B 134 -15.24 11.43 -5.34
N LEU B 135 -15.22 12.43 -4.48
CA LEU B 135 -14.36 12.39 -3.31
C LEU B 135 -15.18 12.31 -2.04
N LEU B 136 -14.86 11.32 -1.19
CA LEU B 136 -15.46 11.20 0.14
C LEU B 136 -14.38 11.49 1.16
N ASN B 137 -14.56 12.58 1.90
CA ASN B 137 -13.51 13.07 2.77
C ASN B 137 -13.81 12.92 4.25
N ASN B 138 -12.83 12.37 4.97
CA ASN B 138 -12.78 12.36 6.43
C ASN B 138 -13.99 11.68 7.07
N PHE B 139 -14.16 10.39 6.78
CA PHE B 139 -15.30 9.68 7.34
C PHE B 139 -14.86 8.47 8.14
N TYR B 140 -15.79 7.94 8.92
CA TYR B 140 -15.61 6.72 9.68
C TYR B 140 -16.98 6.13 9.98
N PRO B 141 -17.15 4.80 9.84
CA PRO B 141 -16.15 3.77 9.47
C PRO B 141 -15.82 3.78 7.99
N ARG B 142 -14.85 2.95 7.61
CA ARG B 142 -14.31 2.92 6.26
C ARG B 142 -15.33 2.45 5.22
N GLU B 143 -16.25 1.58 5.64
CA GLU B 143 -17.25 1.01 4.76
C GLU B 143 -18.15 2.10 4.19
N ALA B 144 -18.29 2.11 2.88
CA ALA B 144 -19.13 3.09 2.22
C ALA B 144 -19.58 2.55 0.89
N LYS B 145 -20.77 2.95 0.47
CA LYS B 145 -21.30 2.53 -0.81
C LYS B 145 -21.30 3.74 -1.73
N VAL B 146 -20.53 3.65 -2.80
CA VAL B 146 -20.42 4.74 -3.75
C VAL B 146 -20.92 4.27 -5.10
N GLN B 147 -22.02 4.86 -5.57
CA GLN B 147 -22.60 4.43 -6.83
C GLN B 147 -22.68 5.58 -7.82
N TRP B 148 -22.26 5.30 -9.04
CA TRP B 148 -22.33 6.27 -10.12
C TRP B 148 -23.63 6.15 -10.89
N LYS B 149 -24.26 7.29 -11.15
CA LYS B 149 -25.39 7.34 -12.06
C LYS B 149 -25.14 8.39 -13.12
N VAL B 150 -25.42 8.02 -14.36
CA VAL B 150 -25.27 8.91 -15.49
C VAL B 150 -26.65 9.04 -16.15
N ASP B 151 -27.25 10.23 -16.08
CA ASP B 151 -28.64 10.42 -16.48
C ASP B 151 -29.55 9.36 -15.85
N ASN B 152 -29.43 9.21 -14.53
CA ASN B 152 -30.26 8.29 -13.74
C ASN B 152 -30.10 6.81 -14.11
N ALA B 153 -28.99 6.48 -14.74
CA ALA B 153 -28.69 5.08 -15.10
C ALA B 153 -27.54 4.55 -14.26
N LEU B 154 -27.80 3.52 -13.47
CA LEU B 154 -26.80 2.92 -12.60
C LEU B 154 -25.61 2.40 -13.40
N GLN B 155 -24.41 2.77 -12.96
CA GLN B 155 -23.19 2.51 -13.70
C GLN B 155 -22.40 1.36 -13.09
N SER B 156 -21.86 0.48 -13.92
CA SER B 156 -21.08 -0.65 -13.42
C SER B 156 -19.91 -1.02 -14.34
N GLY B 157 -18.75 -1.29 -13.74
CA GLY B 157 -17.61 -1.79 -14.49
C GLY B 157 -16.72 -0.73 -15.11
N ASN B 158 -17.04 0.54 -14.88
CA ASN B 158 -16.23 1.63 -15.41
C ASN B 158 -15.73 2.60 -14.32
N SER B 159 -15.78 2.17 -13.07
CA SER B 159 -15.25 3.00 -12.00
C SER B 159 -14.29 2.21 -11.12
N GLN B 160 -13.33 2.90 -10.53
CA GLN B 160 -12.44 2.30 -9.56
C GLN B 160 -12.37 3.16 -8.32
N GLU B 161 -12.23 2.52 -7.17
CA GLU B 161 -12.09 3.24 -5.90
C GLU B 161 -10.66 3.14 -5.38
N SER B 162 -10.29 4.10 -4.55
CA SER B 162 -9.04 4.05 -3.80
C SER B 162 -9.29 4.66 -2.43
N VAL B 163 -8.76 4.04 -1.38
CA VAL B 163 -8.99 4.49 -0.02
C VAL B 163 -7.65 4.80 0.66
N THR B 164 -7.60 5.91 1.39
CA THR B 164 -6.39 6.23 2.15
C THR B 164 -6.25 5.32 3.37
N GLU B 165 -5.06 5.32 3.94
CA GLU B 165 -4.85 4.73 5.25
C GLU B 165 -5.53 5.59 6.30
N GLN B 166 -5.78 5.02 7.48
CA GLN B 166 -6.46 5.77 8.52
C GLN B 166 -5.61 6.97 8.93
N ASP B 167 -6.24 8.13 9.01
CA ASP B 167 -5.53 9.37 9.34
C ASP B 167 -5.02 9.32 10.78
N SER B 168 -3.75 9.68 10.94
CA SER B 168 -3.10 9.64 12.25
C SER B 168 -3.63 10.69 13.24
N LYS B 169 -4.28 11.73 12.74
CA LYS B 169 -4.83 12.76 13.62
C LYS B 169 -6.28 12.48 14.06
N ASP B 170 -7.18 12.29 13.09
CA ASP B 170 -8.60 12.17 13.43
C ASP B 170 -9.18 10.77 13.23
N SER B 171 -8.33 9.81 12.88
CA SER B 171 -8.71 8.41 12.72
C SER B 171 -9.80 8.18 11.65
N THR B 172 -9.87 9.09 10.69
CA THR B 172 -10.83 8.97 9.60
C THR B 172 -10.19 8.45 8.31
N TYR B 173 -11.05 8.15 7.34
CA TYR B 173 -10.64 7.71 6.02
C TYR B 173 -11.08 8.71 4.98
N SER B 174 -10.43 8.69 3.82
CA SER B 174 -10.93 9.40 2.66
C SER B 174 -10.93 8.43 1.49
N LEU B 175 -11.85 8.62 0.56
CA LEU B 175 -12.03 7.68 -0.53
C LEU B 175 -12.25 8.44 -1.83
N SER B 176 -11.64 7.95 -2.90
CA SER B 176 -11.92 8.49 -4.22
C SER B 176 -12.58 7.41 -5.06
N SER B 177 -13.60 7.81 -5.83
CA SER B 177 -14.15 6.94 -6.85
C SER B 177 -14.04 7.68 -8.16
N THR B 178 -13.51 7.00 -9.18
CA THR B 178 -13.20 7.64 -10.44
C THR B 178 -13.91 6.94 -11.59
N LEU B 179 -14.80 7.67 -12.25
CA LEU B 179 -15.54 7.14 -13.38
C LEU B 179 -14.82 7.52 -14.69
N THR B 180 -14.44 6.52 -15.48
CA THR B 180 -13.71 6.82 -16.69
C THR B 180 -14.49 6.41 -17.94
N LEU B 181 -14.68 7.39 -18.82
CA LEU B 181 -15.38 7.19 -20.08
C LEU B 181 -14.55 7.71 -21.23
N SER B 182 -14.88 7.30 -22.43
CA SER B 182 -14.32 7.94 -23.62
C SER B 182 -14.92 9.33 -23.72
N LYS B 183 -14.24 10.22 -24.44
CA LYS B 183 -14.74 11.57 -24.67
C LYS B 183 -16.13 11.56 -25.30
N ALA B 184 -16.29 10.76 -26.35
CA ALA B 184 -17.58 10.64 -27.05
C ALA B 184 -18.68 10.22 -26.08
N ASP B 185 -18.41 9.21 -25.28
CA ASP B 185 -19.36 8.72 -24.29
C ASP B 185 -19.71 9.81 -23.27
N TYR B 186 -18.71 10.57 -22.84
CA TYR B 186 -18.94 11.65 -21.89
C TYR B 186 -19.88 12.71 -22.46
N GLU B 187 -19.65 13.06 -23.72
CA GLU B 187 -20.44 14.12 -24.36
C GLU B 187 -21.80 13.63 -24.81
N LYS B 188 -22.00 12.32 -24.69
CA LYS B 188 -23.28 11.69 -25.04
C LYS B 188 -24.30 11.89 -23.91
N HIS B 189 -23.82 12.18 -22.71
CA HIS B 189 -24.71 12.31 -21.56
C HIS B 189 -24.63 13.69 -20.88
N LYS B 190 -25.61 13.96 -20.02
CA LYS B 190 -25.75 15.26 -19.39
C LYS B 190 -25.51 15.24 -17.88
N VAL B 191 -26.30 14.45 -17.15
CA VAL B 191 -26.23 14.45 -15.70
C VAL B 191 -25.32 13.35 -15.14
N TYR B 192 -24.31 13.77 -14.39
CA TYR B 192 -23.37 12.86 -13.77
C TYR B 192 -23.50 12.95 -12.27
N ALA B 193 -23.71 11.82 -11.61
CA ALA B 193 -24.05 11.84 -10.19
C ALA B 193 -23.36 10.73 -9.42
N CYS B 194 -22.75 11.11 -8.31
CA CYS B 194 -22.16 10.17 -7.35
C CYS B 194 -23.06 10.09 -6.13
N GLU B 195 -23.61 8.91 -5.86
CA GLU B 195 -24.50 8.70 -4.72
C GLU B 195 -23.80 7.91 -3.62
N VAL B 196 -23.79 8.47 -2.43
CA VAL B 196 -23.00 7.94 -1.33
C VAL B 196 -23.85 7.51 -0.14
N THR B 197 -23.73 6.23 0.22
CA THR B 197 -24.43 5.68 1.37
C THR B 197 -23.40 5.34 2.44
N HIS B 198 -23.68 5.75 3.68
CA HIS B 198 -22.75 5.59 4.80
C HIS B 198 -23.49 5.63 6.13
N GLN B 199 -22.91 4.99 7.15
CA GLN B 199 -23.53 4.87 8.47
C GLN B 199 -23.83 6.23 9.12
N GLY B 200 -23.05 7.24 8.74
CA GLY B 200 -23.23 8.57 9.28
C GLY B 200 -24.22 9.41 8.50
N LEU B 201 -24.71 8.86 7.39
CA LEU B 201 -25.68 9.56 6.56
C LEU B 201 -27.08 8.93 6.69
N SER B 202 -27.99 9.65 7.34
CA SER B 202 -29.37 9.18 7.49
C SER B 202 -29.99 8.82 6.15
N SER B 203 -29.76 9.64 5.14
CA SER B 203 -30.12 9.30 3.78
C SER B 203 -28.90 9.50 2.89
N PRO B 204 -28.84 8.77 1.76
CA PRO B 204 -27.70 8.92 0.83
C PRO B 204 -27.50 10.34 0.36
N VAL B 205 -26.24 10.71 0.16
CA VAL B 205 -25.91 12.03 -0.35
C VAL B 205 -25.56 11.90 -1.83
N THR B 206 -26.19 12.72 -2.65
CA THR B 206 -25.91 12.71 -4.07
C THR B 206 -25.27 14.04 -4.48
N LYS B 207 -24.09 13.95 -5.08
CA LYS B 207 -23.45 15.11 -5.67
C LYS B 207 -23.46 14.94 -7.18
N SER B 208 -23.88 15.97 -7.87
CA SER B 208 -24.12 15.88 -9.30
C SER B 208 -23.68 17.14 -10.00
N PHE B 209 -23.46 17.03 -11.31
CA PHE B 209 -23.36 18.19 -12.15
C PHE B 209 -24.00 17.90 -13.51
N ASN B 210 -24.31 18.97 -14.22
CA ASN B 210 -24.71 18.87 -15.62
C ASN B 210 -23.50 19.19 -16.47
N ARG B 211 -23.24 18.36 -17.47
CA ARG B 211 -22.12 18.60 -18.37
C ARG B 211 -22.28 19.96 -19.04
N GLY B 212 -21.27 20.82 -18.91
CA GLY B 212 -21.32 22.16 -19.47
C GLY B 212 -21.16 23.23 -18.41
#